data_3SRR
#
_entry.id   3SRR
#
_cell.length_a   79.317
_cell.length_b   79.317
_cell.length_c   107.394
_cell.angle_alpha   90.000
_cell.angle_beta   90.000
_cell.angle_gamma   120.000
#
_symmetry.space_group_name_H-M   'P 61 2 2'
#
loop_
_entity.id
_entity.type
_entity.pdbx_description
1 polymer 'Dihydrofolate reductase'
2 non-polymer 3-(2,4-diamino-6-methylquinazolin-7-yl)-4-ethoxybenzaldehyde
3 non-polymer 'NADP NICOTINAMIDE-ADENINE-DINUCLEOTIDE PHOSPHATE'
4 water water
#
_entity_poly.entity_id   1
_entity_poly.type   'polypeptide(L)'
_entity_poly.pdbx_seq_one_letter_code
;MTLSILVAHDLQRVIGFENQLPWHLPNDLKHVKKLSTGHTLVMGRKTFESIGKPLPNRRNVVLTSDTSFNVEGVDVIHSI
EDIYQLPGHVFIFGGQTLFEEMIDKVDDMYITVIEGKFRGDTFFPPYTFEDWEVASSVEGKLDEKNTIPHTFLHLIRKKL
EHHHHHH
;
_entity_poly.pdbx_strand_id   X
#
loop_
_chem_comp.id
_chem_comp.type
_chem_comp.name
_chem_comp.formula
NAP non-polymer 'NADP NICOTINAMIDE-ADENINE-DINUCLEOTIDE PHOSPHATE' 'C21 H28 N7 O17 P3'
Q20 non-polymer 3-(2,4-diamino-6-methylquinazolin-7-yl)-4-ethoxybenzaldehyde 'C18 H18 N4 O2'
#
# COMPACT_ATOMS: atom_id res chain seq x y z
N THR A 2 -7.49 13.78 -1.39
CA THR A 2 -7.91 12.49 -0.79
C THR A 2 -6.67 11.78 -0.27
N LEU A 3 -6.83 11.15 0.89
CA LEU A 3 -5.78 10.36 1.50
C LEU A 3 -6.30 8.93 1.57
N SER A 4 -5.60 8.02 0.91
CA SER A 4 -6.05 6.61 0.81
C SER A 4 -4.96 5.67 1.28
N ILE A 5 -5.35 4.50 1.77
CA ILE A 5 -4.41 3.38 1.89
C ILE A 5 -4.46 2.54 0.62
N LEU A 6 -3.29 2.01 0.25
CA LEU A 6 -3.19 1.04 -0.84
C LEU A 6 -2.45 -0.14 -0.23
N VAL A 7 -3.03 -1.33 -0.31
CA VAL A 7 -2.38 -2.50 0.33
C VAL A 7 -2.83 -3.82 -0.35
N ALA A 8 -1.94 -4.81 -0.35
CA ALA A 8 -2.32 -6.19 -0.64
C ALA A 8 -2.10 -6.98 0.65
N HIS A 9 -3.14 -7.67 1.10
CA HIS A 9 -2.96 -8.54 2.29
C HIS A 9 -3.65 -9.87 2.08
N ASP A 10 -3.18 -10.91 2.76
CA ASP A 10 -3.76 -12.24 2.55
C ASP A 10 -4.94 -12.49 3.52
N LEU A 11 -5.42 -13.74 3.56
CA LEU A 11 -6.59 -14.07 4.37
C LEU A 11 -6.41 -13.80 5.87
N GLN A 12 -5.15 -13.76 6.31
CA GLN A 12 -4.79 -13.53 7.71
C GLN A 12 -4.10 -12.19 7.91
N ARG A 13 -4.25 -11.32 6.91
CA ARG A 13 -3.66 -9.97 6.88
C ARG A 13 -2.14 -9.89 6.79
N VAL A 14 -1.49 -10.98 6.41
CA VAL A 14 -0.07 -10.91 6.09
C VAL A 14 0.13 -9.94 4.93
N ILE A 15 1.15 -9.08 5.06
CA ILE A 15 1.58 -8.21 3.96
C ILE A 15 3.02 -8.43 3.46
N GLY A 16 3.86 -9.09 4.25
CA GLY A 16 5.27 -9.14 3.88
C GLY A 16 5.99 -10.26 4.58
N PHE A 17 7.13 -10.64 4.01
CA PHE A 17 8.02 -11.59 4.64
C PHE A 17 9.44 -11.25 4.19
N GLU A 18 10.33 -11.06 5.17
CA GLU A 18 11.73 -10.74 4.89
C GLU A 18 11.87 -9.57 3.89
N ASN A 19 11.10 -8.52 4.15
CA ASN A 19 11.16 -7.27 3.38
C ASN A 19 10.77 -7.38 1.91
N GLN A 20 10.02 -8.42 1.60
CA GLN A 20 9.45 -8.54 0.25
C GLN A 20 8.01 -9.00 0.37
N LEU A 21 7.30 -8.99 -0.76
CA LEU A 21 5.94 -9.58 -0.80
C LEU A 21 6.04 -11.10 -0.73
N PRO A 22 5.11 -11.74 0.00
CA PRO A 22 5.12 -13.21 0.04
C PRO A 22 4.69 -13.92 -1.25
N TRP A 23 4.11 -13.16 -2.18
CA TRP A 23 3.46 -13.73 -3.38
C TRP A 23 3.99 -13.08 -4.62
N HIS A 24 3.87 -13.80 -5.73
CA HIS A 24 4.13 -13.25 -7.05
C HIS A 24 2.79 -13.09 -7.73
N LEU A 25 2.38 -11.84 -7.96
CA LEU A 25 1.07 -11.56 -8.53
C LEU A 25 1.13 -10.33 -9.45
N PRO A 26 1.55 -10.54 -10.71
CA PRO A 26 1.67 -9.41 -11.65
C PRO A 26 0.46 -8.48 -11.72
N ASN A 27 -0.75 -9.05 -11.68
CA ASN A 27 -1.97 -8.24 -11.77
C ASN A 27 -2.12 -7.24 -10.61
N ASP A 28 -1.59 -7.56 -9.43
CA ASP A 28 -1.66 -6.58 -8.33
C ASP A 28 -0.76 -5.38 -8.65
N LEU A 29 0.40 -5.64 -9.24
CA LEU A 29 1.30 -4.54 -9.61
C LEU A 29 0.67 -3.66 -10.66
N LYS A 30 -0.07 -4.26 -11.59
CA LYS A 30 -0.80 -3.49 -12.62
C LYS A 30 -1.90 -2.60 -12.00
N HIS A 31 -2.55 -3.14 -10.98
CA HIS A 31 -3.58 -2.45 -10.20
C HIS A 31 -2.96 -1.22 -9.51
N VAL A 32 -1.81 -1.42 -8.87
CA VAL A 32 -1.07 -0.33 -8.24
C VAL A 32 -0.73 0.75 -9.27
N LYS A 33 -0.23 0.31 -10.43
CA LYS A 33 0.14 1.22 -11.52
C LYS A 33 -1.05 2.07 -11.94
N LYS A 34 -2.20 1.42 -12.14
CA LYS A 34 -3.40 2.11 -12.62
C LYS A 34 -3.90 3.14 -11.61
N LEU A 35 -3.90 2.77 -10.32
CA LEU A 35 -4.40 3.67 -9.28
C LEU A 35 -3.49 4.86 -8.96
N SER A 36 -2.18 4.63 -8.94
CA SER A 36 -1.24 5.62 -8.40
C SER A 36 -0.41 6.40 -9.40
N THR A 37 -0.37 5.96 -10.65
CA THR A 37 0.30 6.75 -11.72
C THR A 37 -0.30 8.16 -11.77
N GLY A 38 0.57 9.15 -11.74
CA GLY A 38 0.15 10.53 -11.78
C GLY A 38 -0.26 11.10 -10.44
N HIS A 39 -0.10 10.31 -9.37
CA HIS A 39 -0.49 10.71 -8.02
C HIS A 39 0.69 10.62 -7.07
N THR A 40 0.46 10.41 -5.77
CA THR A 40 1.56 10.43 -4.80
C THR A 40 1.55 9.17 -3.96
N LEU A 41 2.72 8.57 -3.79
CA LEU A 41 2.91 7.45 -2.86
C LEU A 41 3.73 7.93 -1.66
N VAL A 42 3.25 7.60 -0.47
CA VAL A 42 4.00 7.79 0.76
C VAL A 42 4.34 6.43 1.35
N MET A 43 5.62 6.18 1.57
CA MET A 43 6.06 4.88 2.07
C MET A 43 7.11 5.00 3.16
N GLY A 44 7.21 3.97 3.99
CA GLY A 44 8.26 3.91 5.00
C GLY A 44 9.59 3.58 4.37
N ARG A 45 10.65 3.73 5.14
CA ARG A 45 12.02 3.58 4.62
C ARG A 45 12.29 2.14 4.18
N LYS A 46 11.78 1.16 4.93
CA LYS A 46 12.02 -0.24 4.60
C LYS A 46 11.38 -0.58 3.27
N THR A 47 10.13 -0.15 3.10
CA THR A 47 9.43 -0.36 1.85
C THR A 47 10.20 0.24 0.67
N PHE A 48 10.70 1.45 0.85
CA PHE A 48 11.48 2.04 -0.19
C PHE A 48 12.73 1.23 -0.52
N GLU A 49 13.45 0.81 0.51
CA GLU A 49 14.69 0.06 0.27
C GLU A 49 14.36 -1.29 -0.41
N SER A 50 13.19 -1.83 -0.12
CA SER A 50 12.68 -3.06 -0.75
C SER A 50 12.50 -2.92 -2.26
N ILE A 51 11.91 -1.81 -2.70
CA ILE A 51 11.70 -1.57 -4.13
C ILE A 51 12.98 -1.06 -4.79
N GLY A 52 13.83 -0.39 -4.00
CA GLY A 52 15.19 -0.06 -4.43
C GLY A 52 15.34 1.20 -5.26
N LYS A 53 14.26 1.61 -5.92
CA LYS A 53 14.22 2.85 -6.72
C LYS A 53 12.77 3.37 -6.72
N PRO A 54 12.57 4.68 -6.95
CA PRO A 54 11.20 5.18 -6.95
C PRO A 54 10.40 4.62 -8.13
N LEU A 55 9.10 4.48 -7.94
CA LEU A 55 8.23 3.98 -9.00
C LEU A 55 8.02 5.12 -9.99
N PRO A 56 8.10 4.81 -11.31
CA PRO A 56 7.99 5.83 -12.34
C PRO A 56 6.63 6.51 -12.42
N ASN A 57 6.63 7.75 -12.90
CA ASN A 57 5.40 8.47 -13.28
C ASN A 57 4.45 8.82 -12.13
N ARG A 58 5.03 9.00 -10.95
CA ARG A 58 4.27 9.46 -9.78
C ARG A 58 5.26 10.02 -8.79
N ARG A 59 4.75 10.80 -7.84
CA ARG A 59 5.58 11.35 -6.79
C ARG A 59 5.81 10.26 -5.75
N ASN A 60 7.09 9.97 -5.49
CA ASN A 60 7.48 9.06 -4.41
C ASN A 60 7.95 9.82 -3.19
N VAL A 61 7.26 9.60 -2.06
CA VAL A 61 7.64 10.26 -0.82
C VAL A 61 8.03 9.18 0.18
N VAL A 62 9.20 9.34 0.81
CA VAL A 62 9.68 8.36 1.78
C VAL A 62 9.71 9.00 3.17
N LEU A 63 9.10 8.29 4.12
CA LEU A 63 9.10 8.67 5.53
C LEU A 63 10.22 7.92 6.28
N THR A 64 11.14 8.69 6.87
CA THR A 64 12.27 8.16 7.58
C THR A 64 12.77 9.16 8.62
N SER A 65 13.36 8.65 9.70
CA SER A 65 14.07 9.50 10.66
C SER A 65 15.49 9.89 10.21
N ASP A 66 15.98 9.27 9.13
CA ASP A 66 17.34 9.49 8.65
C ASP A 66 17.50 10.86 8.01
N THR A 67 18.17 11.76 8.72
CA THR A 67 18.38 13.12 8.21
C THR A 67 19.41 13.19 7.09
N SER A 68 20.10 12.07 6.86
CA SER A 68 21.02 11.96 5.73
C SER A 68 20.34 11.43 4.47
N PHE A 69 19.05 11.07 4.57
CA PHE A 69 18.32 10.57 3.43
C PHE A 69 18.08 11.70 2.42
N ASN A 70 18.68 11.54 1.25
CA ASN A 70 18.48 12.48 0.16
C ASN A 70 18.73 11.75 -1.14
N VAL A 71 17.67 11.14 -1.68
CA VAL A 71 17.77 10.22 -2.80
C VAL A 71 17.13 10.85 -4.04
N GLU A 72 17.82 10.76 -5.17
CA GLU A 72 17.31 11.26 -6.47
C GLU A 72 15.93 10.69 -6.82
N GLY A 73 15.02 11.59 -7.21
CA GLY A 73 13.66 11.20 -7.63
C GLY A 73 12.74 10.82 -6.49
N VAL A 74 13.20 11.07 -5.26
CA VAL A 74 12.42 10.79 -4.07
C VAL A 74 12.36 12.04 -3.23
N ASP A 75 11.17 12.36 -2.74
CA ASP A 75 11.02 13.41 -1.75
C ASP A 75 11.00 12.76 -0.38
N VAL A 76 11.67 13.37 0.58
CA VAL A 76 11.71 12.81 1.91
C VAL A 76 10.87 13.64 2.87
N ILE A 77 10.23 12.95 3.81
CA ILE A 77 9.52 13.57 4.93
C ILE A 77 9.98 12.87 6.21
N HIS A 78 9.85 13.55 7.34
CA HIS A 78 10.37 13.05 8.62
C HIS A 78 9.32 12.93 9.72
N SER A 79 8.08 13.22 9.36
CA SER A 79 6.97 13.20 10.30
C SER A 79 5.69 12.75 9.59
N ILE A 80 4.82 12.07 10.33
CA ILE A 80 3.46 11.79 9.85
C ILE A 80 2.74 13.07 9.46
N GLU A 81 2.90 14.13 10.27
CA GLU A 81 2.20 15.38 10.03
C GLU A 81 2.53 16.00 8.66
N ASP A 82 3.72 15.70 8.14
CA ASP A 82 4.13 16.12 6.79
C ASP A 82 3.23 15.59 5.67
N ILE A 83 2.64 14.42 5.89
CA ILE A 83 1.75 13.80 4.91
C ILE A 83 0.57 14.71 4.52
N TYR A 84 -0.02 15.37 5.51
CA TYR A 84 -1.19 16.23 5.33
C TYR A 84 -0.95 17.51 4.51
N GLN A 85 0.32 17.81 4.22
CA GLN A 85 0.70 19.00 3.42
C GLN A 85 0.94 18.66 1.96
N LEU A 86 0.91 17.36 1.65
CA LEU A 86 1.10 16.87 0.29
C LEU A 86 -0.20 17.07 -0.49
N PRO A 87 -0.13 17.78 -1.63
CA PRO A 87 -1.31 18.00 -2.46
C PRO A 87 -1.74 16.77 -3.28
N GLY A 88 -2.96 16.81 -3.78
CA GLY A 88 -3.49 15.80 -4.69
C GLY A 88 -3.91 14.53 -3.97
N HIS A 89 -4.03 13.46 -4.75
CA HIS A 89 -4.39 12.16 -4.20
C HIS A 89 -3.15 11.47 -3.66
N VAL A 90 -3.12 11.26 -2.35
CA VAL A 90 -1.99 10.65 -1.68
C VAL A 90 -2.38 9.22 -1.26
N PHE A 91 -1.54 8.27 -1.64
CA PHE A 91 -1.71 6.87 -1.24
C PHE A 91 -0.67 6.48 -0.22
N ILE A 92 -1.13 6.07 0.94
CA ILE A 92 -0.26 5.40 1.93
C ILE A 92 0.09 4.01 1.40
N PHE A 93 1.39 3.78 1.16
CA PHE A 93 1.89 2.67 0.31
C PHE A 93 2.55 1.54 1.12
N GLY A 94 2.66 1.75 2.43
CA GLY A 94 3.23 0.74 3.35
C GLY A 94 4.50 1.22 4.02
N GLY A 95 5.12 0.38 4.86
CA GLY A 95 4.68 -1.00 5.10
C GLY A 95 3.89 -1.08 6.38
N GLN A 96 4.13 -2.12 7.18
CA GLN A 96 3.31 -2.35 8.38
C GLN A 96 3.23 -1.12 9.26
N THR A 97 4.38 -0.49 9.50
CA THR A 97 4.43 0.63 10.42
C THR A 97 3.59 1.80 9.94
N LEU A 98 3.76 2.18 8.67
CA LEU A 98 2.90 3.22 8.06
C LEU A 98 1.41 2.90 8.14
N PHE A 99 1.05 1.66 7.79
CA PHE A 99 -0.36 1.26 7.83
C PHE A 99 -0.94 1.40 9.24
N GLU A 100 -0.20 0.93 10.25
CA GLU A 100 -0.63 1.03 11.62
C GLU A 100 -0.82 2.49 12.02
N GLU A 101 0.08 3.35 11.57
CA GLU A 101 0.03 4.76 11.90
C GLU A 101 -1.11 5.52 11.20
N MET A 102 -1.57 5.00 10.06
CA MET A 102 -2.47 5.76 9.18
C MET A 102 -3.89 5.22 9.03
N ILE A 103 -4.13 3.98 9.45
CA ILE A 103 -5.44 3.38 9.18
C ILE A 103 -6.59 4.17 9.80
N ASP A 104 -6.35 4.80 10.95
CA ASP A 104 -7.41 5.62 11.57
C ASP A 104 -7.57 7.02 10.97
N LYS A 105 -6.68 7.37 10.04
CA LYS A 105 -6.61 8.74 9.48
C LYS A 105 -7.11 8.83 8.03
N VAL A 106 -7.08 7.72 7.30
CA VAL A 106 -7.32 7.77 5.85
C VAL A 106 -8.81 7.81 5.50
N ASP A 107 -9.12 8.36 4.33
CA ASP A 107 -10.50 8.47 3.82
C ASP A 107 -11.09 7.12 3.36
N ASP A 108 -10.22 6.33 2.75
CA ASP A 108 -10.62 5.08 2.10
C ASP A 108 -9.40 4.18 1.97
N MET A 109 -9.66 2.96 1.55
CA MET A 109 -8.63 1.95 1.36
C MET A 109 -8.87 1.19 0.06
N TYR A 110 -7.80 0.98 -0.69
CA TYR A 110 -7.80 0.14 -1.89
C TYR A 110 -7.01 -1.09 -1.52
N ILE A 111 -7.75 -2.16 -1.22
CA ILE A 111 -7.15 -3.41 -0.74
C ILE A 111 -7.21 -4.48 -1.81
N THR A 112 -6.09 -5.15 -2.05
CA THR A 112 -6.13 -6.40 -2.79
C THR A 112 -6.09 -7.53 -1.77
N VAL A 113 -7.21 -8.24 -1.65
CA VAL A 113 -7.25 -9.39 -0.76
C VAL A 113 -6.67 -10.58 -1.53
N ILE A 114 -5.54 -11.07 -1.01
CA ILE A 114 -4.87 -12.25 -1.58
C ILE A 114 -5.53 -13.46 -0.91
N GLU A 115 -6.29 -14.23 -1.67
CA GLU A 115 -7.14 -15.30 -1.11
C GLU A 115 -6.37 -16.59 -0.85
N GLY A 116 -5.29 -16.46 -0.08
CA GLY A 116 -4.44 -17.57 0.33
C GLY A 116 -3.89 -17.31 1.72
N LYS A 117 -3.17 -18.28 2.26
CA LYS A 117 -2.51 -18.15 3.56
C LYS A 117 -1.01 -18.34 3.37
N PHE A 118 -0.28 -17.24 3.57
CA PHE A 118 1.18 -17.21 3.36
C PHE A 118 1.94 -17.10 4.68
N ARG A 119 3.21 -17.48 4.68
CA ARG A 119 4.08 -17.17 5.83
C ARG A 119 4.39 -15.68 5.80
N GLY A 120 4.14 -14.98 6.90
CA GLY A 120 4.45 -13.54 6.97
C GLY A 120 5.21 -13.18 8.23
N ASP A 121 5.92 -12.06 8.18
CA ASP A 121 6.47 -11.48 9.38
C ASP A 121 5.97 -10.06 9.62
N THR A 122 5.12 -9.57 8.72
CA THR A 122 4.51 -8.26 8.86
C THR A 122 3.05 -8.30 8.41
N PHE A 123 2.21 -7.49 9.05
CA PHE A 123 0.76 -7.61 8.91
C PHE A 123 0.08 -6.26 8.74
N PHE A 124 -1.07 -6.28 8.06
CA PHE A 124 -1.94 -5.12 8.02
C PHE A 124 -2.73 -5.17 9.33
N PRO A 125 -3.02 -4.01 9.95
CA PRO A 125 -3.76 -4.04 11.21
C PRO A 125 -5.21 -4.52 11.02
N PRO A 126 -5.79 -5.15 12.05
CA PRO A 126 -7.21 -5.56 11.99
C PRO A 126 -8.13 -4.38 11.70
N TYR A 127 -9.20 -4.64 10.97
CA TYR A 127 -10.24 -3.66 10.69
C TYR A 127 -11.55 -4.41 10.56
N THR A 128 -12.65 -3.70 10.67
CA THR A 128 -13.98 -4.33 10.64
C THR A 128 -14.86 -3.65 9.59
N PHE A 129 -15.64 -4.45 8.85
CA PHE A 129 -16.60 -3.90 7.86
C PHE A 129 -17.76 -3.12 8.49
N GLU A 130 -17.82 -3.09 9.82
CA GLU A 130 -18.76 -2.23 10.50
C GLU A 130 -18.37 -0.76 10.33
N ASP A 131 -17.09 -0.53 10.05
CA ASP A 131 -16.54 0.81 9.95
C ASP A 131 -16.35 1.24 8.50
N TRP A 132 -16.47 0.29 7.57
CA TRP A 132 -16.07 0.52 6.17
C TRP A 132 -17.13 0.02 5.21
N GLU A 133 -17.58 0.91 4.34
CA GLU A 133 -18.53 0.54 3.29
C GLU A 133 -17.82 0.00 2.06
N VAL A 134 -18.37 -1.05 1.46
CA VAL A 134 -17.72 -1.66 0.27
C VAL A 134 -18.18 -0.87 -0.97
N ALA A 135 -17.35 0.07 -1.41
CA ALA A 135 -17.66 0.86 -2.57
C ALA A 135 -17.64 0.00 -3.85
N SER A 136 -16.72 -0.97 -3.85
CA SER A 136 -16.64 -1.96 -4.93
C SER A 136 -15.84 -3.18 -4.48
N SER A 137 -16.14 -4.31 -5.09
CA SER A 137 -15.47 -5.58 -4.86
C SER A 137 -15.44 -6.27 -6.22
N VAL A 138 -14.22 -6.48 -6.70
CA VAL A 138 -14.00 -7.02 -8.05
C VAL A 138 -13.04 -8.20 -7.98
N GLU A 139 -13.49 -9.36 -8.45
CA GLU A 139 -12.63 -10.54 -8.47
C GLU A 139 -11.53 -10.38 -9.52
N GLY A 140 -10.30 -10.67 -9.12
CA GLY A 140 -9.19 -10.61 -10.04
C GLY A 140 -9.25 -11.77 -11.00
N LYS A 141 -8.82 -11.52 -12.23
CA LYS A 141 -8.80 -12.58 -13.21
C LYS A 141 -7.54 -13.42 -13.09
N LEU A 142 -7.71 -14.75 -13.18
CA LEU A 142 -6.59 -15.67 -13.06
C LEU A 142 -6.15 -16.20 -14.42
N ASP A 143 -4.86 -16.51 -14.49
CA ASP A 143 -4.27 -17.10 -15.69
C ASP A 143 -2.95 -17.74 -15.31
N GLU A 144 -2.15 -18.11 -16.31
CA GLU A 144 -0.83 -18.70 -16.09
C GLU A 144 0.09 -17.80 -15.25
N LYS A 145 0.09 -16.49 -15.51
CA LYS A 145 0.96 -15.56 -14.78
C LYS A 145 0.41 -15.17 -13.41
N ASN A 146 -0.89 -15.39 -13.20
CA ASN A 146 -1.60 -14.87 -12.02
C ASN A 146 -2.51 -15.95 -11.45
N THR A 147 -1.96 -16.76 -10.57
CA THR A 147 -2.59 -18.03 -10.24
C THR A 147 -3.19 -18.09 -8.84
N ILE A 148 -3.03 -16.99 -8.09
CA ILE A 148 -3.56 -16.91 -6.73
C ILE A 148 -4.85 -16.10 -6.80
N PRO A 149 -6.00 -16.65 -6.34
CA PRO A 149 -7.22 -15.85 -6.34
C PRO A 149 -7.03 -14.58 -5.52
N HIS A 150 -7.64 -13.50 -6.01
CA HIS A 150 -7.54 -12.21 -5.33
C HIS A 150 -8.74 -11.36 -5.64
N THR A 151 -9.03 -10.43 -4.75
CA THR A 151 -10.19 -9.55 -4.90
C THR A 151 -9.75 -8.12 -4.63
N PHE A 152 -10.14 -7.21 -5.51
CA PHE A 152 -9.85 -5.79 -5.34
C PHE A 152 -11.04 -5.18 -4.63
N LEU A 153 -10.80 -4.69 -3.42
CA LEU A 153 -11.82 -4.02 -2.61
C LEU A 153 -11.52 -2.52 -2.54
N HIS A 154 -12.56 -1.71 -2.69
CA HIS A 154 -12.43 -0.29 -2.37
C HIS A 154 -13.38 -0.04 -1.21
N LEU A 155 -12.80 0.31 -0.06
CA LEU A 155 -13.56 0.53 1.18
C LEU A 155 -13.51 2.01 1.52
N ILE A 156 -14.65 2.55 1.92
CA ILE A 156 -14.75 3.96 2.29
C ILE A 156 -15.24 4.02 3.74
N ARG A 157 -14.58 4.84 4.54
CA ARG A 157 -14.94 4.95 5.96
C ARG A 157 -16.37 5.47 6.11
N LYS A 158 -17.15 4.79 6.93
CA LYS A 158 -18.55 5.12 7.16
C LYS A 158 -18.64 6.38 8.01
C1 Q20 B . 0.85 -1.69 -1.93
N2 Q20 B . -0.34 -2.20 -2.35
C3 Q20 B . -0.41 -3.20 -3.27
N4 Q20 B . 0.70 -3.73 -3.84
C5 Q20 B . 1.95 -3.29 -3.53
C6 Q20 B . 2.09 -2.22 -2.53
C7 Q20 B . 3.34 -1.70 -2.17
C8 Q20 B . 4.47 -2.25 -2.78
C9 Q20 B . 4.33 -3.34 -3.78
C10 Q20 B . 3.07 -3.83 -4.16
N11 Q20 B . 0.93 -0.72 -1.00
N12 Q20 B . -1.62 -3.71 -3.65
C13 Q20 B . 5.82 -1.69 -2.37
C14 Q20 B . 5.56 -3.83 -4.43
C15 Q20 B . 6.65 -4.47 -3.66
C16 Q20 B . 7.80 -4.84 -4.36
C17 Q20 B . 7.89 -4.61 -5.73
C18 Q20 B . 6.86 -3.99 -6.46
C19 Q20 B . 5.71 -3.59 -5.80
O20 Q20 B . 6.50 -4.65 -2.31
C21 Q20 B . 7.66 -5.00 -1.52
C22 Q20 B . 7.64 -4.25 -0.23
C23 Q20 B . 7.01 -3.76 -7.91
O24 Q20 B . 6.22 -3.05 -8.55
PA NAP C . 8.07 0.26 6.66
O1A NAP C . 6.76 0.69 7.23
O2A NAP C . 8.14 0.11 5.20
O5B NAP C . 9.26 1.21 7.12
C5B NAP C . 9.53 1.37 8.50
C4B NAP C . 10.40 2.60 8.58
O4B NAP C . 9.62 3.71 8.18
C3B NAP C . 10.86 2.95 9.99
O3B NAP C . 11.91 2.15 10.47
C2B NAP C . 11.22 4.40 9.79
O2B NAP C . 12.40 4.53 9.04
C1B NAP C . 10.07 4.86 8.88
N9A NAP C . 8.98 5.49 9.63
C8A NAP C . 7.72 5.02 9.87
N7A NAP C . 7.01 5.94 10.59
C5A NAP C . 7.85 6.98 10.84
C6A NAP C . 7.68 8.18 11.54
N6A NAP C . 6.52 8.46 12.12
N1A NAP C . 8.75 9.08 11.61
C2A NAP C . 9.93 8.79 11.00
N3A NAP C . 10.10 7.60 10.32
C4A NAP C . 9.07 6.71 10.23
O3 NAP C . 8.54 -1.05 7.42
PN NAP C . 7.83 -2.34 8.02
O1N NAP C . 6.82 -1.87 8.99
O2N NAP C . 8.87 -3.29 8.47
O5D NAP C . 7.05 -2.99 6.75
C5D NAP C . 7.81 -3.62 5.72
C4D NAP C . 7.08 -4.87 5.24
O4D NAP C . 5.87 -4.45 4.59
C3D NAP C . 7.91 -5.67 4.24
O3D NAP C . 7.77 -7.07 4.42
C2D NAP C . 7.32 -5.28 2.92
O2D NAP C . 7.48 -6.29 1.93
C1D NAP C . 5.86 -5.11 3.33
N1N NAP C . 5.01 -4.29 2.48
C2N NAP C . 3.86 -4.88 2.07
C3N NAP C . 2.97 -4.16 1.28
C7N NAP C . 1.73 -4.86 0.82
O7N NAP C . 0.68 -4.08 0.47
N7N NAP C . 1.60 -6.18 0.76
C4N NAP C . 3.25 -2.82 1.00
C5N NAP C . 4.45 -2.22 1.43
C6N NAP C . 5.33 -2.97 2.21
P2B NAP C . 13.85 4.76 9.73
O1X NAP C . 14.83 5.00 8.59
O2X NAP C . 13.67 5.99 10.62
O3X NAP C . 14.20 3.56 10.55
#